data_3ZCD
#
_entry.id   3ZCD
#
_cell.length_a   84.180
_cell.length_b   98.630
_cell.length_c   131.070
_cell.angle_alpha   90.00
_cell.angle_beta   90.00
_cell.angle_gamma   90.00
#
_symmetry.space_group_name_H-M   'C 2 2 21'
#
loop_
_entity.id
_entity.type
_entity.pdbx_description
1 polymer GERANYLTRANSTRANSFERASE
2 water water
#
_entity_poly.entity_id   1
_entity_poly.type   'polypeptide(L)'
_entity_poly.pdbx_seq_one_letter_code
;SMIAAYQARCQARVDAALDALFVAPREELQRLYEAMRYSVMNGGKRVRPLLAYAACEALGGAPQRADAAACAVELIHAYS
LVHDDLPAMDDDDLRRGQPTTHRAFDEATAILAADGLQALAFEVLADTRRNPQEHAVCLEMLTRLARAAGSAGMVGGQAI
DLGSVGVALDQAALEVMHRHKTGALIEASVRLGALASGRAEPASLAALERYAEAIGLAFQVQDDILDVESDTATLGKTQG
KDQAHNKPTYPALLGLEAAKGYALELRDLALAALDGFPPSADPLRQLARYIVERRN
;
_entity_poly.pdbx_strand_id   A,B
#
# COMPACT_ATOMS: atom_id res chain seq x y z
N SER A 1 3.64 -23.75 -25.01
CA SER A 1 4.30 -24.28 -23.77
C SER A 1 3.35 -25.21 -22.99
N MET A 2 3.92 -26.02 -22.10
CA MET A 2 3.12 -26.95 -21.31
C MET A 2 2.11 -26.33 -20.33
N ILE A 3 2.21 -25.03 -20.02
CA ILE A 3 1.22 -24.34 -19.14
C ILE A 3 0.24 -23.48 -19.93
N ALA A 4 0.28 -23.56 -21.26
CA ALA A 4 -0.35 -22.55 -22.08
C ALA A 4 -1.84 -22.44 -21.78
N ALA A 5 -2.54 -23.55 -21.81
CA ALA A 5 -3.99 -23.52 -21.66
C ALA A 5 -4.37 -22.99 -20.28
N TYR A 6 -3.68 -23.48 -19.26
CA TYR A 6 -4.03 -23.02 -17.90
C TYR A 6 -3.70 -21.54 -17.72
N GLN A 7 -2.51 -21.15 -18.14
CA GLN A 7 -2.08 -19.77 -18.12
C GLN A 7 -3.08 -18.85 -18.83
N ALA A 8 -3.53 -19.23 -20.03
CA ALA A 8 -4.44 -18.41 -20.82
C ALA A 8 -5.76 -18.20 -20.11
N ARG A 9 -6.28 -19.25 -19.47
CA ARG A 9 -7.53 -19.12 -18.70
C ARG A 9 -7.36 -18.19 -17.51
N CYS A 10 -6.24 -18.31 -16.80
CA CYS A 10 -5.96 -17.46 -15.64
C CYS A 10 -5.74 -15.99 -16.08
N GLN A 11 -4.99 -15.78 -17.19
CA GLN A 11 -4.80 -14.45 -17.69
C GLN A 11 -6.14 -13.80 -18.02
N ALA A 12 -6.96 -14.51 -18.77
CA ALA A 12 -8.29 -13.99 -19.12
C ALA A 12 -9.12 -13.60 -17.88
N ARG A 13 -9.12 -14.47 -16.85
CA ARG A 13 -9.93 -14.27 -15.65
C ARG A 13 -9.43 -13.00 -14.94
N VAL A 14 -8.11 -12.93 -14.72
CA VAL A 14 -7.58 -11.83 -13.95
C VAL A 14 -7.64 -10.51 -14.70
N ASP A 15 -7.39 -10.56 -16.01
CA ASP A 15 -7.40 -9.35 -16.83
C ASP A 15 -8.78 -8.70 -16.87
N ALA A 16 -9.83 -9.52 -16.94
CA ALA A 16 -11.21 -9.02 -16.91
C ALA A 16 -11.46 -8.32 -15.57
N ALA A 17 -11.05 -8.96 -14.47
CA ALA A 17 -11.25 -8.38 -13.12
C ALA A 17 -10.44 -7.09 -12.93
N LEU A 18 -9.19 -7.11 -13.36
CA LEU A 18 -8.35 -5.93 -13.26
C LEU A 18 -8.87 -4.75 -14.10
N ASP A 19 -9.22 -5.03 -15.35
CA ASP A 19 -9.70 -4.00 -16.28
C ASP A 19 -10.80 -3.16 -15.64
N ALA A 20 -11.69 -3.81 -14.88
CA ALA A 20 -12.81 -3.14 -14.21
C ALA A 20 -12.41 -2.15 -13.13
N LEU A 21 -11.16 -2.18 -12.68
CA LEU A 21 -10.70 -1.37 -11.58
C LEU A 21 -10.15 -0.01 -12.01
N PHE A 22 -10.00 0.22 -13.32
CA PHE A 22 -9.33 1.44 -13.79
C PHE A 22 -10.26 2.54 -14.34
N VAL A 23 -11.47 2.64 -13.79
CA VAL A 23 -12.40 3.68 -14.19
C VAL A 23 -12.25 4.87 -13.23
N ALA A 24 -11.75 5.98 -13.77
CA ALA A 24 -11.65 7.24 -13.00
C ALA A 24 -13.02 7.65 -12.50
N PRO A 25 -13.16 7.91 -11.18
CA PRO A 25 -14.46 8.34 -10.67
C PRO A 25 -14.89 9.76 -11.05
N ARG A 26 -13.96 10.52 -11.64
CA ARG A 26 -14.27 11.82 -12.20
C ARG A 26 -13.21 12.23 -13.20
N GLU A 27 -13.55 13.21 -14.03
CA GLU A 27 -12.77 13.58 -15.19
C GLU A 27 -11.35 14.04 -14.84
N GLU A 28 -11.20 14.76 -13.74
CA GLU A 28 -9.88 15.28 -13.34
C GLU A 28 -8.83 14.16 -13.06
N LEU A 29 -9.34 12.95 -12.80
CA LEU A 29 -8.53 11.80 -12.45
C LEU A 29 -8.28 10.88 -13.66
N GLN A 30 -8.78 11.25 -14.85
CA GLN A 30 -8.66 10.37 -16.01
C GLN A 30 -7.21 9.99 -16.36
N ARG A 31 -6.32 10.97 -16.39
CA ARG A 31 -4.94 10.70 -16.79
C ARG A 31 -4.22 9.77 -15.80
N LEU A 32 -4.43 10.01 -14.48
CA LEU A 32 -3.89 9.11 -13.47
C LEU A 32 -4.37 7.65 -13.65
N TYR A 33 -5.67 7.46 -13.90
CA TYR A 33 -6.22 6.16 -14.11
C TYR A 33 -5.73 5.52 -15.37
N GLU A 34 -5.49 6.35 -16.37
CA GLU A 34 -4.87 5.84 -17.59
C GLU A 34 -3.42 5.35 -17.37
N ALA A 35 -2.64 6.07 -16.60
CA ALA A 35 -1.32 5.61 -16.22
C ALA A 35 -1.33 4.33 -15.37
N MET A 36 -2.34 4.22 -14.51
CA MET A 36 -2.54 3.00 -13.74
C MET A 36 -2.86 1.82 -14.65
N ARG A 37 -3.77 2.01 -15.59
CA ARG A 37 -4.13 0.98 -16.55
C ARG A 37 -2.93 0.59 -17.43
N TYR A 38 -2.22 1.62 -17.88
CA TYR A 38 -1.04 1.42 -18.72
C TYR A 38 -0.01 0.54 -18.04
N SER A 39 0.12 0.74 -16.72
CA SER A 39 1.10 0.03 -15.93
C SER A 39 0.71 -1.43 -15.59
N VAL A 40 -0.55 -1.80 -15.76
CA VAL A 40 -1.08 -3.12 -15.37
C VAL A 40 -1.47 -3.95 -16.62
N MET A 41 -2.18 -3.31 -17.55
CA MET A 41 -2.77 -3.96 -18.69
C MET A 41 -1.81 -3.97 -19.86
N ASN A 42 -0.76 -4.72 -19.67
CA ASN A 42 0.39 -4.69 -20.52
C ASN A 42 0.69 -6.04 -21.14
N GLY A 43 -0.28 -6.96 -21.11
CA GLY A 43 -0.08 -8.28 -21.71
C GLY A 43 0.86 -9.19 -20.93
N GLY A 44 1.03 -8.89 -19.65
CA GLY A 44 1.90 -9.68 -18.84
C GLY A 44 1.39 -11.11 -18.66
N LYS A 45 2.32 -11.95 -18.25
CA LYS A 45 2.10 -13.39 -18.15
C LYS A 45 1.19 -13.78 -16.96
N ARG A 46 1.04 -12.90 -15.99
CA ARG A 46 0.16 -13.15 -14.81
C ARG A 46 0.50 -14.42 -14.00
N VAL A 47 1.80 -14.61 -13.74
CA VAL A 47 2.27 -15.76 -12.98
C VAL A 47 1.66 -15.74 -11.57
N ARG A 48 1.64 -14.58 -10.98
CA ARG A 48 1.13 -14.51 -9.60
C ARG A 48 -0.37 -14.81 -9.52
N PRO A 49 -1.19 -14.23 -10.41
CA PRO A 49 -2.56 -14.75 -10.53
C PRO A 49 -2.70 -16.23 -10.75
N LEU A 50 -1.89 -16.76 -11.69
CA LEU A 50 -1.90 -18.18 -11.95
C LEU A 50 -1.72 -19.00 -10.64
N LEU A 51 -0.72 -18.61 -9.85
CA LEU A 51 -0.41 -19.26 -8.55
C LEU A 51 -1.58 -19.19 -7.59
N ALA A 52 -2.21 -18.05 -7.54
CA ALA A 52 -3.37 -17.89 -6.64
C ALA A 52 -4.53 -18.81 -7.08
N TYR A 53 -4.85 -18.82 -8.36
CA TYR A 53 -5.91 -19.68 -8.88
C TYR A 53 -5.55 -21.15 -8.65
N ALA A 54 -4.31 -21.50 -8.94
CA ALA A 54 -3.87 -22.90 -8.85
C ALA A 54 -3.83 -23.42 -7.41
N ALA A 55 -3.45 -22.54 -6.49
CA ALA A 55 -3.43 -22.90 -5.07
C ALA A 55 -4.88 -23.11 -4.58
N CYS A 56 -5.76 -22.22 -5.07
CA CYS A 56 -7.19 -22.29 -4.72
C CYS A 56 -7.73 -23.65 -5.16
N GLU A 57 -7.47 -23.96 -6.45
CA GLU A 57 -7.90 -25.23 -7.02
C GLU A 57 -7.26 -26.45 -6.36
N ALA A 58 -6.02 -26.32 -5.94
CA ALA A 58 -5.31 -27.40 -5.28
C ALA A 58 -6.03 -27.88 -4.01
N LEU A 59 -6.70 -26.95 -3.32
CA LEU A 59 -7.44 -27.25 -2.08
C LEU A 59 -8.92 -27.44 -2.34
N GLY A 60 -9.32 -27.50 -3.59
CA GLY A 60 -10.69 -27.84 -3.95
C GLY A 60 -11.64 -26.68 -4.15
N GLY A 61 -11.11 -25.46 -4.22
CA GLY A 61 -11.96 -24.27 -4.41
C GLY A 61 -12.09 -23.90 -5.87
N ALA A 62 -13.28 -23.43 -6.24
CA ALA A 62 -13.54 -22.96 -7.58
C ALA A 62 -12.67 -21.75 -7.78
N PRO A 63 -12.04 -21.63 -8.96
CA PRO A 63 -11.02 -20.59 -9.14
C PRO A 63 -11.52 -19.14 -9.00
N GLN A 64 -12.77 -18.90 -9.38
CA GLN A 64 -13.34 -17.54 -9.27
C GLN A 64 -13.34 -17.03 -7.79
N ARG A 65 -13.25 -17.94 -6.82
CA ARG A 65 -13.10 -17.55 -5.40
C ARG A 65 -11.82 -16.76 -5.14
N ALA A 66 -10.81 -16.99 -5.98
CA ALA A 66 -9.52 -16.35 -5.86
C ALA A 66 -9.35 -15.09 -6.72
N ASP A 67 -10.41 -14.61 -7.36
CA ASP A 67 -10.31 -13.43 -8.25
C ASP A 67 -9.69 -12.22 -7.54
N ALA A 68 -10.14 -11.92 -6.34
CA ALA A 68 -9.58 -10.77 -5.66
C ALA A 68 -8.10 -10.99 -5.29
N ALA A 69 -7.80 -12.19 -4.80
CA ALA A 69 -6.43 -12.60 -4.50
C ALA A 69 -5.51 -12.36 -5.71
N ALA A 70 -5.97 -12.86 -6.85
CA ALA A 70 -5.22 -12.74 -8.12
C ALA A 70 -5.02 -11.28 -8.47
N CYS A 71 -6.08 -10.47 -8.35
CA CYS A 71 -5.97 -9.04 -8.61
C CYS A 71 -4.94 -8.39 -7.72
N ALA A 72 -5.08 -8.66 -6.42
CA ALA A 72 -4.23 -8.00 -5.47
C ALA A 72 -2.72 -8.28 -5.65
N VAL A 73 -2.38 -9.54 -5.87
CA VAL A 73 -0.96 -9.90 -6.05
C VAL A 73 -0.40 -9.34 -7.40
N GLU A 74 -1.24 -9.27 -8.41
CA GLU A 74 -0.77 -8.64 -9.70
C GLU A 74 -0.62 -7.13 -9.51
N LEU A 75 -1.51 -6.50 -8.74
CA LEU A 75 -1.41 -5.07 -8.49
C LEU A 75 -0.14 -4.71 -7.73
N ILE A 76 0.18 -5.52 -6.69
CA ILE A 76 1.41 -5.36 -5.96
C ILE A 76 2.61 -5.52 -6.94
N HIS A 77 2.59 -6.62 -7.68
CA HIS A 77 3.68 -6.86 -8.67
C HIS A 77 3.82 -5.66 -9.60
N ALA A 78 2.70 -5.21 -10.16
CA ALA A 78 2.71 -4.14 -11.15
C ALA A 78 3.26 -2.85 -10.59
N TYR A 79 2.82 -2.46 -9.37
CA TYR A 79 3.32 -1.24 -8.85
C TYR A 79 4.85 -1.34 -8.61
N SER A 80 5.34 -2.51 -8.20
CA SER A 80 6.73 -2.67 -7.80
C SER A 80 7.60 -2.49 -9.05
N LEU A 81 7.02 -2.92 -10.13
CA LEU A 81 7.75 -2.78 -11.43
C LEU A 81 7.84 -1.34 -11.87
N VAL A 82 6.74 -0.60 -11.74
CA VAL A 82 6.78 0.85 -12.08
C VAL A 82 7.83 1.57 -11.29
N HIS A 83 7.85 1.38 -9.97
CA HIS A 83 8.84 2.01 -9.17
C HIS A 83 10.29 1.53 -9.48
N ASP A 84 10.43 0.24 -9.74
CA ASP A 84 11.72 -0.31 -10.13
C ASP A 84 12.24 0.30 -11.45
N ASP A 85 11.35 0.73 -12.31
CA ASP A 85 11.79 1.31 -13.66
C ASP A 85 12.28 2.71 -13.50
N LEU A 86 11.95 3.42 -12.41
CA LEU A 86 12.29 4.82 -12.26
C LEU A 86 13.80 5.08 -12.35
N PRO A 87 14.16 6.31 -12.75
CA PRO A 87 15.57 6.63 -12.86
C PRO A 87 16.43 6.39 -11.62
N ALA A 88 15.86 6.63 -10.43
CA ALA A 88 16.63 6.42 -9.19
C ALA A 88 16.84 4.95 -8.83
N MET A 89 16.06 4.08 -9.47
CA MET A 89 16.07 2.65 -9.22
C MET A 89 16.80 1.93 -10.33
N ASP A 90 16.13 1.15 -11.17
CA ASP A 90 16.83 0.46 -12.30
C ASP A 90 16.95 1.32 -13.53
N ASP A 91 16.20 2.42 -13.60
CA ASP A 91 16.30 3.39 -14.68
C ASP A 91 16.10 2.74 -16.05
N ASP A 92 14.90 2.22 -16.27
CA ASP A 92 14.56 1.56 -17.51
C ASP A 92 13.62 2.38 -18.34
N ASP A 93 14.02 2.62 -19.60
CA ASP A 93 13.18 3.30 -20.56
C ASP A 93 12.10 2.42 -21.20
N LEU A 94 12.37 1.11 -21.19
CA LEU A 94 11.51 0.10 -21.78
C LEU A 94 11.18 -1.04 -20.82
N ARG A 95 10.01 -1.61 -21.02
CA ARG A 95 9.63 -2.86 -20.40
C ARG A 95 8.95 -3.68 -21.49
N ARG A 96 9.55 -4.84 -21.78
CA ARG A 96 9.10 -5.70 -22.88
C ARG A 96 8.80 -4.92 -24.17
N GLY A 97 9.74 -4.04 -24.56
CA GLY A 97 9.64 -3.26 -25.80
C GLY A 97 8.80 -1.98 -25.83
N GLN A 98 8.05 -1.70 -24.75
CA GLN A 98 7.14 -0.54 -24.68
C GLN A 98 7.69 0.46 -23.66
N PRO A 99 7.35 1.77 -23.80
CA PRO A 99 7.91 2.72 -22.86
C PRO A 99 7.43 2.45 -21.45
N THR A 100 8.34 2.64 -20.56
CA THR A 100 7.97 2.54 -19.14
C THR A 100 6.99 3.64 -18.81
N THR A 101 6.35 3.51 -17.62
CA THR A 101 5.37 4.47 -17.31
C THR A 101 5.85 5.92 -17.17
N HIS A 102 7.04 6.12 -16.61
CA HIS A 102 7.60 7.45 -16.45
C HIS A 102 7.90 8.14 -17.77
N ARG A 103 8.13 7.34 -18.81
CA ARG A 103 8.39 7.86 -20.17
C ARG A 103 7.12 8.15 -21.00
N ALA A 104 6.18 7.22 -20.92
CA ALA A 104 4.85 7.39 -21.52
C ALA A 104 4.07 8.56 -20.96
N PHE A 105 4.19 8.76 -19.63
CA PHE A 105 3.52 9.85 -18.91
C PHE A 105 4.57 10.84 -18.41
N ASP A 106 4.90 10.76 -17.12
CA ASP A 106 5.92 11.53 -16.49
C ASP A 106 6.27 10.83 -15.18
N GLU A 107 7.36 11.24 -14.59
CA GLU A 107 7.92 10.54 -13.51
C GLU A 107 6.96 10.68 -12.31
N ALA A 108 6.49 11.90 -12.07
CA ALA A 108 5.53 12.10 -10.90
C ALA A 108 4.32 11.23 -11.07
N THR A 109 3.76 11.16 -12.26
CA THR A 109 2.54 10.39 -12.49
C THR A 109 2.83 8.90 -12.32
N ALA A 110 4.00 8.44 -12.75
CA ALA A 110 4.40 7.05 -12.53
C ALA A 110 4.52 6.71 -11.06
N ILE A 111 5.18 7.59 -10.31
CA ILE A 111 5.31 7.40 -8.86
C ILE A 111 3.92 7.26 -8.23
N LEU A 112 3.07 8.19 -8.59
CA LEU A 112 1.68 8.27 -8.05
C LEU A 112 0.79 7.14 -8.49
N ALA A 113 0.80 6.80 -9.82
CA ALA A 113 -0.01 5.74 -10.31
C ALA A 113 0.31 4.45 -9.51
N ALA A 114 1.60 4.17 -9.35
CA ALA A 114 2.04 2.97 -8.66
C ALA A 114 1.62 3.03 -7.15
N ASP A 115 1.71 4.20 -6.56
CA ASP A 115 1.25 4.38 -5.14
C ASP A 115 -0.22 4.03 -5.05
N GLY A 116 -1.02 4.46 -6.00
CA GLY A 116 -2.46 4.18 -6.08
C GLY A 116 -2.73 2.71 -6.31
N LEU A 117 -1.88 2.07 -7.16
CA LEU A 117 -1.99 0.63 -7.37
C LEU A 117 -1.81 -0.17 -6.05
N GLN A 118 -0.86 0.26 -5.24
CA GLN A 118 -0.61 -0.43 -3.95
C GLN A 118 -1.87 -0.30 -3.09
N ALA A 119 -2.37 0.92 -2.95
CA ALA A 119 -3.65 1.14 -2.16
C ALA A 119 -4.78 0.27 -2.69
N LEU A 120 -4.91 0.16 -4.02
CA LEU A 120 -5.96 -0.58 -4.67
C LEU A 120 -5.85 -2.09 -4.37
N ALA A 121 -4.61 -2.63 -4.28
CA ALA A 121 -4.40 -4.04 -3.96
C ALA A 121 -5.12 -4.35 -2.57
N PHE A 122 -4.89 -3.46 -1.62
CA PHE A 122 -5.48 -3.67 -0.30
C PHE A 122 -6.97 -3.39 -0.30
N GLU A 123 -7.39 -2.35 -1.03
CA GLU A 123 -8.81 -2.11 -1.28
C GLU A 123 -9.56 -3.38 -1.74
N VAL A 124 -9.02 -4.04 -2.76
CA VAL A 124 -9.70 -5.17 -3.35
C VAL A 124 -9.87 -6.36 -2.39
N LEU A 125 -8.88 -6.56 -1.51
CA LEU A 125 -8.93 -7.65 -0.55
C LEU A 125 -9.89 -7.27 0.60
N ALA A 126 -9.95 -6.00 0.93
CA ALA A 126 -10.85 -5.57 2.06
C ALA A 126 -12.30 -5.41 1.64
N ASP A 127 -12.56 -5.39 0.34
CA ASP A 127 -13.87 -5.25 -0.28
C ASP A 127 -14.58 -6.58 -0.27
N THR A 128 -15.62 -6.71 0.57
CA THR A 128 -16.26 -8.00 0.74
C THR A 128 -17.20 -8.37 -0.40
N ARG A 129 -17.42 -7.44 -1.34
CA ARG A 129 -18.14 -7.80 -2.55
C ARG A 129 -17.16 -8.41 -3.54
N ARG A 130 -16.03 -7.74 -3.73
CA ARG A 130 -14.99 -8.26 -4.66
C ARG A 130 -14.26 -9.51 -4.14
N ASN A 131 -14.16 -9.61 -2.81
CA ASN A 131 -13.41 -10.67 -2.12
C ASN A 131 -14.36 -11.28 -1.05
N PRO A 132 -15.36 -12.02 -1.50
CA PRO A 132 -16.44 -12.47 -0.60
C PRO A 132 -16.11 -13.71 0.24
N GLN A 133 -14.98 -13.65 0.95
CA GLN A 133 -14.59 -14.71 1.86
C GLN A 133 -15.23 -14.40 3.21
N GLU A 134 -15.12 -15.35 4.11
CA GLU A 134 -15.40 -15.04 5.53
C GLU A 134 -14.46 -13.93 5.99
N HIS A 135 -14.96 -13.04 6.82
CA HIS A 135 -14.21 -11.86 7.22
C HIS A 135 -12.85 -12.16 7.83
N ALA A 136 -12.75 -13.19 8.66
CA ALA A 136 -11.47 -13.56 9.24
C ALA A 136 -10.45 -13.94 8.12
N VAL A 137 -10.95 -14.59 7.08
CA VAL A 137 -10.13 -15.00 5.95
C VAL A 137 -9.73 -13.78 5.16
N CYS A 138 -10.65 -12.85 4.92
CA CYS A 138 -10.25 -11.58 4.28
C CYS A 138 -9.11 -10.88 5.03
N LEU A 139 -9.23 -10.80 6.35
CA LEU A 139 -8.18 -10.16 7.14
C LEU A 139 -6.84 -10.89 7.08
N GLU A 140 -6.89 -12.21 7.04
CA GLU A 140 -5.67 -13.00 7.01
C GLU A 140 -5.01 -12.78 5.64
N MET A 141 -5.83 -12.69 4.63
CA MET A 141 -5.27 -12.41 3.25
C MET A 141 -4.61 -11.06 3.25
N LEU A 142 -5.25 -10.07 3.85
CA LEU A 142 -4.67 -8.71 3.91
C LEU A 142 -3.36 -8.64 4.69
N THR A 143 -3.37 -9.32 5.84
CA THR A 143 -2.21 -9.44 6.68
C THR A 143 -1.04 -10.02 5.90
N ARG A 144 -1.27 -11.15 5.28
CA ARG A 144 -0.19 -11.84 4.60
C ARG A 144 0.31 -10.99 3.45
N LEU A 145 -0.61 -10.35 2.75
CA LEU A 145 -0.16 -9.53 1.55
C LEU A 145 0.63 -8.34 2.02
N ALA A 146 0.17 -7.66 3.09
CA ALA A 146 0.87 -6.50 3.60
C ALA A 146 2.32 -6.85 4.07
N ARG A 147 2.44 -7.97 4.78
CA ARG A 147 3.73 -8.45 5.25
C ARG A 147 4.62 -8.85 4.08
N ALA A 148 4.03 -9.51 3.11
CA ALA A 148 4.81 -9.99 1.96
C ALA A 148 5.20 -8.81 1.10
N ALA A 149 4.38 -7.79 0.98
CA ALA A 149 4.65 -6.62 0.09
C ALA A 149 5.57 -5.59 0.69
N GLY A 150 5.60 -5.48 2.03
CA GLY A 150 6.25 -4.40 2.70
C GLY A 150 7.73 -4.57 2.92
N SER A 151 8.23 -3.89 3.94
CA SER A 151 9.68 -3.76 4.17
C SER A 151 10.30 -5.04 4.69
N ALA A 152 9.46 -5.97 5.21
CA ALA A 152 9.93 -7.26 5.62
C ALA A 152 9.91 -8.33 4.51
N GLY A 153 9.32 -7.92 3.37
CA GLY A 153 9.15 -8.78 2.21
C GLY A 153 9.73 -8.10 0.97
N MET A 154 8.83 -7.89 0.03
CA MET A 154 9.24 -7.51 -1.36
C MET A 154 10.07 -6.23 -1.32
N VAL A 155 9.57 -5.19 -0.66
CA VAL A 155 10.28 -3.93 -0.57
C VAL A 155 11.65 -4.14 0.13
N GLY A 156 11.65 -4.95 1.19
CA GLY A 156 12.86 -5.37 1.86
C GLY A 156 13.87 -5.95 0.91
N GLY A 157 13.40 -6.83 0.02
CA GLY A 157 14.26 -7.49 -0.98
C GLY A 157 14.87 -6.48 -1.91
N GLN A 158 14.09 -5.50 -2.31
CA GLN A 158 14.65 -4.42 -3.18
C GLN A 158 15.75 -3.66 -2.47
N ALA A 159 15.56 -3.40 -1.18
CA ALA A 159 16.57 -2.73 -0.40
C ALA A 159 17.81 -3.60 -0.16
N ILE A 160 17.61 -4.88 0.04
CA ILE A 160 18.73 -5.82 0.18
C ILE A 160 19.56 -5.87 -1.09
N ASP A 161 18.89 -5.88 -2.22
CA ASP A 161 19.58 -5.91 -3.52
C ASP A 161 20.43 -4.64 -3.67
N LEU A 162 19.81 -3.50 -3.35
CA LEU A 162 20.49 -2.21 -3.41
C LEU A 162 21.66 -2.15 -2.47
N GLY A 163 21.53 -2.77 -1.30
CA GLY A 163 22.58 -2.79 -0.31
C GLY A 163 23.69 -3.81 -0.55
N SER A 164 23.54 -4.67 -1.54
CA SER A 164 24.52 -5.74 -1.74
C SER A 164 25.34 -5.40 -2.95
N VAL A 165 26.63 -5.23 -2.70
CA VAL A 165 27.52 -4.73 -3.72
C VAL A 165 28.72 -5.65 -3.86
N GLY A 166 29.30 -5.61 -5.06
CA GLY A 166 30.58 -6.24 -5.40
C GLY A 166 30.39 -7.54 -6.15
N VAL A 167 31.34 -7.88 -7.02
CA VAL A 167 31.26 -9.11 -7.87
C VAL A 167 31.26 -10.42 -7.04
N ALA A 168 31.80 -10.34 -5.82
CA ALA A 168 31.67 -11.43 -4.84
C ALA A 168 30.40 -11.23 -3.98
N LEU A 169 29.50 -12.21 -4.01
CA LEU A 169 28.42 -12.29 -3.02
C LEU A 169 28.12 -13.78 -2.90
N ASP A 170 27.98 -14.34 -1.69
CA ASP A 170 27.86 -15.79 -1.59
C ASP A 170 26.41 -16.28 -1.81
N GLN A 171 26.26 -17.59 -1.96
CA GLN A 171 24.97 -18.17 -2.33
C GLN A 171 23.92 -17.84 -1.28
N ALA A 172 24.30 -17.99 -0.01
CA ALA A 172 23.36 -17.71 1.11
C ALA A 172 22.80 -16.29 1.07
N ALA A 173 23.67 -15.30 0.85
CA ALA A 173 23.24 -13.90 0.76
C ALA A 173 22.38 -13.63 -0.47
N LEU A 174 22.77 -14.21 -1.62
CA LEU A 174 21.95 -14.14 -2.82
C LEU A 174 20.54 -14.67 -2.56
N GLU A 175 20.46 -15.80 -1.89
CA GLU A 175 19.19 -16.44 -1.67
C GLU A 175 18.35 -15.65 -0.67
N VAL A 176 18.98 -15.09 0.33
CA VAL A 176 18.24 -14.16 1.20
C VAL A 176 17.58 -13.03 0.40
N MET A 177 18.36 -12.45 -0.51
N MET A 177 18.35 -12.45 -0.51
CA MET A 177 17.86 -11.39 -1.35
CA MET A 177 17.83 -11.40 -1.34
C MET A 177 16.67 -11.87 -2.19
C MET A 177 16.64 -11.88 -2.17
N HIS A 178 16.82 -13.02 -2.86
CA HIS A 178 15.75 -13.53 -3.73
C HIS A 178 14.47 -13.88 -2.93
N ARG A 179 14.68 -14.48 -1.76
CA ARG A 179 13.55 -14.87 -0.93
C ARG A 179 12.65 -13.69 -0.56
N HIS A 180 13.28 -12.54 -0.35
CA HIS A 180 12.57 -11.29 -0.04
C HIS A 180 12.01 -10.60 -1.28
N LYS A 181 12.90 -10.41 -2.26
CA LYS A 181 12.56 -9.61 -3.42
C LYS A 181 11.48 -10.20 -4.32
N THR A 182 11.54 -11.52 -4.57
CA THR A 182 10.50 -12.19 -5.34
C THR A 182 9.80 -13.34 -4.55
N GLY A 183 10.51 -14.00 -3.61
CA GLY A 183 9.92 -15.12 -2.91
C GLY A 183 8.71 -14.75 -2.05
N ALA A 184 8.79 -13.61 -1.36
CA ALA A 184 7.71 -13.28 -0.47
C ALA A 184 6.38 -13.14 -1.21
N LEU A 185 6.39 -12.47 -2.36
CA LEU A 185 5.15 -12.27 -3.12
C LEU A 185 4.65 -13.53 -3.80
N ILE A 186 5.59 -14.37 -4.22
CA ILE A 186 5.20 -15.66 -4.81
C ILE A 186 4.51 -16.52 -3.72
N GLU A 187 5.07 -16.48 -2.52
CA GLU A 187 4.58 -17.30 -1.40
C GLU A 187 3.21 -16.72 -1.02
N ALA A 188 3.08 -15.41 -1.06
CA ALA A 188 1.77 -14.78 -0.77
C ALA A 188 0.71 -15.11 -1.79
N SER A 189 1.09 -15.23 -3.08
CA SER A 189 0.13 -15.55 -4.09
C SER A 189 -0.49 -16.92 -3.85
N VAL A 190 0.40 -17.87 -3.56
CA VAL A 190 -0.01 -19.23 -3.21
C VAL A 190 -0.85 -19.20 -1.88
N ARG A 191 -0.37 -18.49 -0.86
CA ARG A 191 -1.11 -18.44 0.44
C ARG A 191 -2.51 -17.84 0.24
N LEU A 192 -2.60 -16.75 -0.53
CA LEU A 192 -3.88 -16.07 -0.72
C LEU A 192 -4.87 -16.91 -1.48
N GLY A 193 -4.39 -17.59 -2.54
CA GLY A 193 -5.27 -18.49 -3.25
C GLY A 193 -5.75 -19.63 -2.36
N ALA A 194 -4.86 -20.16 -1.51
CA ALA A 194 -5.21 -21.27 -0.63
C ALA A 194 -6.27 -20.77 0.36
N LEU A 195 -6.08 -19.57 0.86
CA LEU A 195 -7.08 -18.97 1.78
C LEU A 195 -8.43 -18.78 1.10
N ALA A 196 -8.39 -18.42 -0.20
CA ALA A 196 -9.62 -18.16 -0.96
C ALA A 196 -10.43 -19.45 -1.17
N SER A 197 -9.78 -20.60 -0.99
CA SER A 197 -10.45 -21.91 -1.22
C SER A 197 -11.55 -22.21 -0.18
N GLY A 198 -11.43 -21.59 0.98
CA GLY A 198 -12.34 -21.90 2.15
C GLY A 198 -11.98 -23.20 2.82
N ARG A 199 -10.91 -23.83 2.37
CA ARG A 199 -10.52 -25.17 2.81
C ARG A 199 -9.06 -25.23 3.29
N ALA A 200 -8.48 -24.07 3.58
CA ALA A 200 -7.12 -24.04 4.05
C ALA A 200 -7.06 -24.71 5.40
N GLU A 201 -5.97 -25.39 5.67
CA GLU A 201 -5.74 -26.05 6.93
C GLU A 201 -4.22 -25.83 7.10
N PRO A 202 -3.71 -25.75 8.30
CA PRO A 202 -2.28 -25.50 8.53
C PRO A 202 -1.30 -26.41 7.78
N ALA A 203 -1.55 -27.71 7.78
CA ALA A 203 -0.66 -28.63 7.06
C ALA A 203 -0.63 -28.28 5.58
N SER A 204 -1.78 -28.05 4.96
CA SER A 204 -1.83 -27.74 3.51
C SER A 204 -1.17 -26.42 3.20
N LEU A 205 -1.36 -25.44 4.10
CA LEU A 205 -0.71 -24.16 3.95
C LEU A 205 0.78 -24.29 4.01
N ALA A 206 1.28 -25.07 4.96
CA ALA A 206 2.71 -25.26 5.12
C ALA A 206 3.29 -25.98 3.91
N ALA A 207 2.60 -27.00 3.43
CA ALA A 207 3.03 -27.72 2.21
C ALA A 207 3.13 -26.74 1.04
N LEU A 208 2.09 -25.95 0.85
CA LEU A 208 2.07 -24.95 -0.24
C LEU A 208 3.16 -23.88 -0.10
N GLU A 209 3.47 -23.51 1.16
CA GLU A 209 4.56 -22.61 1.40
C GLU A 209 5.91 -23.22 0.92
N ARG A 210 6.12 -24.50 1.23
CA ARG A 210 7.32 -25.21 0.86
C ARG A 210 7.40 -25.20 -0.69
N TYR A 211 6.27 -25.49 -1.33
CA TYR A 211 6.15 -25.46 -2.80
C TYR A 211 6.60 -24.11 -3.31
N ALA A 212 6.02 -23.07 -2.76
CA ALA A 212 6.25 -21.71 -3.23
C ALA A 212 7.70 -21.25 -3.05
N GLU A 213 8.32 -21.64 -1.92
CA GLU A 213 9.71 -21.28 -1.66
C GLU A 213 10.62 -21.89 -2.74
N ALA A 214 10.36 -23.15 -3.03
CA ALA A 214 11.14 -23.90 -4.06
C ALA A 214 10.96 -23.31 -5.46
N ILE A 215 9.73 -23.10 -5.89
CA ILE A 215 9.56 -22.57 -7.27
C ILE A 215 10.06 -21.14 -7.41
N GLY A 216 9.96 -20.35 -6.34
CA GLY A 216 10.43 -18.98 -6.40
C GLY A 216 11.92 -18.95 -6.70
N LEU A 217 12.67 -19.79 -6.00
CA LEU A 217 14.09 -19.91 -6.26
C LEU A 217 14.37 -20.53 -7.62
N ALA A 218 13.61 -21.56 -7.99
CA ALA A 218 13.81 -22.24 -9.28
C ALA A 218 13.70 -21.24 -10.40
N PHE A 219 12.75 -20.32 -10.34
CA PHE A 219 12.58 -19.24 -11.38
CA PHE A 219 12.63 -19.34 -11.42
C PHE A 219 13.92 -18.53 -11.59
N GLN A 220 14.54 -18.13 -10.50
CA GLN A 220 15.79 -17.35 -10.57
C GLN A 220 16.98 -18.13 -11.08
N VAL A 221 17.11 -19.37 -10.63
CA VAL A 221 18.21 -20.24 -11.11
C VAL A 221 18.06 -20.41 -12.60
N GLN A 222 16.84 -20.67 -13.05
CA GLN A 222 16.65 -20.94 -14.48
C GLN A 222 16.84 -19.67 -15.31
N ASP A 223 16.39 -18.54 -14.77
CA ASP A 223 16.68 -17.25 -15.40
C ASP A 223 18.18 -17.03 -15.60
N ASP A 224 18.99 -17.34 -14.60
CA ASP A 224 20.46 -17.15 -14.72
C ASP A 224 21.04 -18.11 -15.76
N ILE A 225 20.55 -19.35 -15.75
CA ILE A 225 21.00 -20.35 -16.70
C ILE A 225 20.70 -19.85 -18.09
N LEU A 226 19.47 -19.40 -18.29
CA LEU A 226 19.10 -18.94 -19.65
C LEU A 226 19.93 -17.72 -20.11
N ASP A 227 20.23 -16.82 -19.19
CA ASP A 227 21.07 -15.64 -19.50
C ASP A 227 22.47 -16.02 -20.03
N VAL A 228 23.04 -17.10 -19.51
CA VAL A 228 24.40 -17.51 -19.85
C VAL A 228 24.46 -18.39 -21.11
N PRO A 248 27.01 -11.77 -10.04
CA PRO A 248 26.80 -12.89 -9.13
C PRO A 248 25.58 -13.74 -9.54
N THR A 249 25.81 -14.78 -10.32
CA THR A 249 24.71 -15.58 -10.88
C THR A 249 24.88 -17.00 -10.40
N TYR A 250 23.85 -17.83 -10.60
CA TYR A 250 23.93 -19.20 -10.15
C TYR A 250 25.01 -19.98 -10.89
N PRO A 251 25.11 -19.83 -12.22
CA PRO A 251 26.19 -20.52 -12.94
C PRO A 251 27.58 -20.08 -12.48
N ALA A 252 27.75 -18.80 -12.12
CA ALA A 252 29.06 -18.35 -11.62
C ALA A 252 29.35 -18.95 -10.24
N LEU A 253 28.35 -18.98 -9.36
CA LEU A 253 28.48 -19.50 -8.00
C LEU A 253 28.74 -21.01 -7.95
N LEU A 254 27.99 -21.75 -8.76
CA LEU A 254 27.98 -23.22 -8.69
C LEU A 254 28.67 -23.94 -9.85
N GLY A 255 28.90 -23.24 -10.95
CA GLY A 255 29.19 -23.89 -12.24
C GLY A 255 27.88 -24.15 -12.98
N LEU A 256 27.95 -24.06 -14.32
CA LEU A 256 26.80 -24.15 -15.21
C LEU A 256 26.04 -25.45 -15.02
N GLU A 257 26.76 -26.56 -15.19
CA GLU A 257 26.11 -27.85 -15.05
C GLU A 257 25.57 -28.05 -13.61
N ALA A 258 26.27 -27.60 -12.56
CA ALA A 258 25.73 -27.71 -11.20
C ALA A 258 24.46 -26.84 -10.95
N ALA A 259 24.43 -25.69 -11.60
CA ALA A 259 23.28 -24.79 -11.56
C ALA A 259 22.06 -25.47 -12.16
N LYS A 260 22.26 -26.12 -13.32
CA LYS A 260 21.20 -26.87 -13.98
C LYS A 260 20.65 -27.98 -13.08
N GLY A 261 21.55 -28.71 -12.43
CA GLY A 261 21.16 -29.76 -11.49
C GLY A 261 20.42 -29.20 -10.30
N TYR A 262 20.81 -28.00 -9.89
CA TYR A 262 20.13 -27.34 -8.74
C TYR A 262 18.68 -26.98 -9.09
N ALA A 263 18.50 -26.47 -10.30
CA ALA A 263 17.18 -26.16 -10.79
C ALA A 263 16.28 -27.39 -10.73
N LEU A 264 16.80 -28.55 -11.11
CA LEU A 264 16.00 -29.78 -11.05
C LEU A 264 15.68 -30.15 -9.63
N GLU A 265 16.66 -29.98 -8.74
CA GLU A 265 16.46 -30.24 -7.32
CA GLU A 265 16.47 -30.23 -7.31
C GLU A 265 15.32 -29.39 -6.73
N LEU A 266 15.31 -28.13 -7.08
CA LEU A 266 14.24 -27.19 -6.66
C LEU A 266 12.89 -27.61 -7.19
N ARG A 267 12.81 -27.94 -8.49
CA ARG A 267 11.58 -28.48 -9.01
C ARG A 267 11.12 -29.70 -8.19
N ASP A 268 12.04 -30.60 -7.90
CA ASP A 268 11.71 -31.82 -7.22
C ASP A 268 11.21 -31.49 -5.81
N LEU A 269 11.82 -30.51 -5.17
CA LEU A 269 11.34 -30.10 -3.83
C LEU A 269 9.93 -29.54 -3.91
N ALA A 270 9.64 -28.78 -4.95
CA ALA A 270 8.28 -28.25 -5.15
C ALA A 270 7.31 -29.39 -5.30
N LEU A 271 7.66 -30.35 -6.17
CA LEU A 271 6.80 -31.47 -6.44
C LEU A 271 6.59 -32.33 -5.18
N ALA A 272 7.65 -32.58 -4.43
CA ALA A 272 7.55 -33.33 -3.16
C ALA A 272 6.65 -32.65 -2.19
N ALA A 273 6.65 -31.32 -2.19
CA ALA A 273 5.78 -30.56 -1.24
C ALA A 273 4.31 -30.83 -1.54
N LEU A 274 3.99 -31.23 -2.77
CA LEU A 274 2.62 -31.52 -3.17
C LEU A 274 2.25 -33.00 -3.16
N ASP A 275 3.13 -33.82 -2.59
CA ASP A 275 2.87 -35.25 -2.49
C ASP A 275 1.62 -35.42 -1.62
N GLY A 276 0.69 -36.24 -2.06
CA GLY A 276 -0.53 -36.42 -1.26
C GLY A 276 -1.62 -35.39 -1.50
N PHE A 277 -1.34 -34.30 -2.23
CA PHE A 277 -2.42 -33.46 -2.74
C PHE A 277 -3.15 -34.22 -3.84
N PRO A 278 -4.44 -33.91 -4.04
CA PRO A 278 -5.17 -34.63 -5.10
C PRO A 278 -4.79 -34.16 -6.49
N PRO A 279 -5.47 -34.72 -7.51
CA PRO A 279 -5.15 -34.33 -8.91
C PRO A 279 -5.43 -32.86 -9.18
N SER A 280 -6.31 -32.24 -8.38
CA SER A 280 -6.58 -30.80 -8.54
C SER A 280 -5.33 -29.90 -8.37
N ALA A 281 -4.28 -30.45 -7.76
CA ALA A 281 -2.98 -29.75 -7.66
C ALA A 281 -2.09 -29.90 -8.91
N ASP A 282 -2.58 -30.58 -9.95
CA ASP A 282 -1.75 -30.72 -11.17
C ASP A 282 -1.31 -29.43 -11.80
N PRO A 283 -2.16 -28.37 -11.80
CA PRO A 283 -1.66 -27.08 -12.36
C PRO A 283 -0.36 -26.59 -11.68
N LEU A 284 -0.32 -26.72 -10.35
CA LEU A 284 0.89 -26.37 -9.61
C LEU A 284 2.07 -27.26 -10.01
N ARG A 285 1.82 -28.55 -10.17
CA ARG A 285 2.89 -29.52 -10.47
C ARG A 285 3.42 -29.14 -11.86
N GLN A 286 2.50 -28.87 -12.79
CA GLN A 286 2.86 -28.52 -14.20
C GLN A 286 3.67 -27.23 -14.25
N LEU A 287 3.29 -26.26 -13.44
CA LEU A 287 4.04 -25.01 -13.42
C LEU A 287 5.47 -25.25 -12.90
N ALA A 288 5.63 -26.06 -11.84
CA ALA A 288 6.97 -26.32 -11.29
C ALA A 288 7.90 -26.91 -12.35
N ARG A 289 7.34 -27.82 -13.12
CA ARG A 289 8.11 -28.43 -14.19
C ARG A 289 8.45 -27.40 -15.26
N TYR A 290 7.43 -26.62 -15.65
CA TYR A 290 7.62 -25.60 -16.72
C TYR A 290 8.74 -24.61 -16.40
N ILE A 291 8.81 -24.20 -15.15
CA ILE A 291 9.80 -23.22 -14.68
C ILE A 291 11.23 -23.63 -15.04
N VAL A 292 11.53 -24.93 -15.00
CA VAL A 292 12.88 -25.39 -15.15
C VAL A 292 13.02 -25.96 -16.56
N GLU A 293 11.93 -26.20 -17.26
CA GLU A 293 12.00 -26.70 -18.65
C GLU A 293 11.95 -25.60 -19.63
N ARG A 294 11.53 -24.42 -19.23
CA ARG A 294 11.38 -23.32 -20.19
C ARG A 294 12.69 -22.92 -20.85
N ARG A 295 12.57 -22.45 -22.10
CA ARG A 295 13.70 -21.94 -22.83
C ARG A 295 13.44 -20.51 -23.26
N SER B 1 -5.56 25.46 24.61
CA SER B 1 -5.54 25.34 26.11
C SER B 1 -5.75 23.87 26.53
N MET B 2 -6.99 23.48 26.77
CA MET B 2 -7.34 22.07 26.76
C MET B 2 -6.89 21.39 25.41
N ILE B 3 -7.02 22.06 24.26
CA ILE B 3 -6.64 21.37 23.01
C ILE B 3 -5.12 21.14 22.96
N ALA B 4 -4.36 22.11 23.44
CA ALA B 4 -2.89 21.98 23.46
C ALA B 4 -2.50 20.72 24.20
N ALA B 5 -3.09 20.53 25.38
CA ALA B 5 -2.80 19.39 26.22
C ALA B 5 -3.23 18.09 25.53
N TYR B 6 -4.44 18.11 24.96
CA TYR B 6 -5.00 16.98 24.23
C TYR B 6 -4.06 16.57 23.09
N GLN B 7 -3.59 17.56 22.34
CA GLN B 7 -2.63 17.33 21.27
C GLN B 7 -1.39 16.58 21.78
N ALA B 8 -0.84 17.08 22.88
CA ALA B 8 0.39 16.51 23.44
C ALA B 8 0.18 15.05 23.84
N ARG B 9 -0.96 14.74 24.45
CA ARG B 9 -1.27 13.36 24.87
C ARG B 9 -1.41 12.43 23.67
N CYS B 10 -2.05 12.92 22.61
CA CYS B 10 -2.21 12.16 21.37
C CYS B 10 -0.88 11.93 20.69
N GLN B 11 -0.06 12.98 20.64
CA GLN B 11 1.26 12.87 20.01
C GLN B 11 2.12 11.84 20.74
N ALA B 12 2.13 11.90 22.07
CA ALA B 12 2.86 10.91 22.85
C ALA B 12 2.36 9.49 22.60
N ARG B 13 1.03 9.31 22.55
CA ARG B 13 0.42 7.99 22.44
C ARG B 13 0.76 7.39 21.09
N VAL B 14 0.58 8.17 20.04
CA VAL B 14 0.83 7.63 18.70
C VAL B 14 2.31 7.41 18.48
N ASP B 15 3.14 8.29 19.02
CA ASP B 15 4.59 8.15 18.81
C ASP B 15 5.15 6.88 19.45
N ALA B 16 4.65 6.54 20.65
CA ALA B 16 5.05 5.30 21.31
C ALA B 16 4.67 4.11 20.40
N ALA B 17 3.44 4.12 19.89
CA ALA B 17 2.95 3.04 19.05
C ALA B 17 3.72 2.95 17.74
N LEU B 18 3.96 4.09 17.10
CA LEU B 18 4.72 4.11 15.83
C LEU B 18 6.15 3.63 16.02
N ASP B 19 6.79 4.09 17.09
CA ASP B 19 8.21 3.77 17.35
C ASP B 19 8.45 2.24 17.33
N ALA B 20 7.48 1.49 17.86
CA ALA B 20 7.55 0.04 17.94
C ALA B 20 7.53 -0.69 16.59
N LEU B 21 7.18 0.02 15.52
CA LEU B 21 6.97 -0.59 14.23
C LEU B 21 8.20 -0.55 13.34
N PHE B 22 9.28 0.07 13.78
CA PHE B 22 10.46 0.26 12.92
C PHE B 22 11.68 -0.59 13.25
N VAL B 23 11.44 -1.78 13.79
CA VAL B 23 12.53 -2.70 14.11
C VAL B 23 12.77 -3.64 12.92
N ALA B 24 13.91 -3.51 12.28
CA ALA B 24 14.30 -4.41 11.19
C ALA B 24 14.31 -5.87 11.64
N PRO B 25 13.65 -6.76 10.87
CA PRO B 25 13.63 -8.18 11.34
C PRO B 25 14.95 -8.92 11.12
N ARG B 26 15.85 -8.31 10.37
CA ARG B 26 17.22 -8.82 10.20
C ARG B 26 18.14 -7.70 9.75
N GLU B 27 19.45 -7.94 9.89
CA GLU B 27 20.45 -6.89 9.79
C GLU B 27 20.50 -6.27 8.41
N GLU B 28 20.28 -7.07 7.37
CA GLU B 28 20.34 -6.55 6.00
C GLU B 28 19.28 -5.47 5.71
N LEU B 29 18.25 -5.42 6.55
CA LEU B 29 17.15 -4.48 6.44
C LEU B 29 17.28 -3.24 7.35
N GLN B 30 18.39 -3.15 8.08
CA GLN B 30 18.52 -2.07 9.07
C GLN B 30 18.42 -0.68 8.45
N ARG B 31 19.12 -0.45 7.34
CA ARG B 31 19.10 0.88 6.77
C ARG B 31 17.71 1.28 6.23
N LEU B 32 17.03 0.35 5.57
CA LEU B 32 15.66 0.56 5.14
C LEU B 32 14.75 0.96 6.32
N TYR B 33 14.82 0.22 7.42
CA TYR B 33 14.01 0.55 8.59
C TYR B 33 14.43 1.87 9.23
N GLU B 34 15.71 2.20 9.17
CA GLU B 34 16.17 3.52 9.66
C GLU B 34 15.53 4.67 8.84
N ALA B 35 15.49 4.49 7.53
CA ALA B 35 14.87 5.45 6.69
C ALA B 35 13.36 5.57 6.90
N MET B 36 12.71 4.45 7.16
CA MET B 36 11.30 4.45 7.55
C MET B 36 11.09 5.26 8.84
N ARG B 37 11.93 4.98 9.84
CA ARG B 37 11.83 5.66 11.12
C ARG B 37 12.08 7.15 10.96
N TYR B 38 13.11 7.46 10.17
CA TYR B 38 13.50 8.84 9.91
C TYR B 38 12.33 9.63 9.31
N SER B 39 11.61 8.97 8.39
CA SER B 39 10.48 9.53 7.67
C SER B 39 9.22 9.76 8.56
N VAL B 40 9.14 9.10 9.71
CA VAL B 40 7.95 9.18 10.53
C VAL B 40 8.19 9.91 11.85
N MET B 41 9.33 9.61 12.45
CA MET B 41 9.64 10.04 13.81
C MET B 41 10.42 11.33 13.69
N ASN B 42 9.75 12.35 13.18
CA ASN B 42 10.37 13.61 12.86
C ASN B 42 9.76 14.80 13.59
N GLY B 43 9.03 14.54 14.67
CA GLY B 43 8.48 15.62 15.48
C GLY B 43 7.21 16.23 14.89
N GLY B 44 6.61 15.55 13.91
CA GLY B 44 5.36 16.00 13.36
C GLY B 44 4.24 16.13 14.39
N LYS B 45 3.29 16.99 14.08
CA LYS B 45 2.24 17.38 15.03
C LYS B 45 1.17 16.32 15.25
N ARG B 46 1.07 15.36 14.37
CA ARG B 46 0.11 14.25 14.50
C ARG B 46 -1.38 14.67 14.52
N VAL B 47 -1.74 15.60 13.67
CA VAL B 47 -3.13 16.06 13.53
C VAL B 47 -4.05 14.90 13.19
N ARG B 48 -3.62 14.01 12.29
CA ARG B 48 -4.47 12.91 11.90
C ARG B 48 -4.69 11.92 13.06
N PRO B 49 -3.62 11.50 13.74
CA PRO B 49 -3.86 10.75 15.02
C PRO B 49 -4.81 11.50 15.96
N LEU B 50 -4.61 12.79 16.11
CA LEU B 50 -5.46 13.55 17.10
C LEU B 50 -6.92 13.40 16.70
N LEU B 51 -7.20 13.56 15.40
CA LEU B 51 -8.56 13.41 14.85
C LEU B 51 -9.12 11.99 15.14
N ALA B 52 -8.33 10.94 14.93
CA ALA B 52 -8.75 9.56 15.14
C ALA B 52 -9.09 9.40 16.68
N TYR B 53 -8.17 9.77 17.52
CA TYR B 53 -8.42 9.65 19.00
C TYR B 53 -9.64 10.47 19.34
N ALA B 54 -9.73 11.69 18.86
CA ALA B 54 -10.85 12.58 19.28
C ALA B 54 -12.21 12.04 18.78
N ALA B 55 -12.25 11.49 17.57
CA ALA B 55 -13.49 10.95 17.05
C ALA B 55 -13.89 9.70 17.86
N CYS B 56 -12.90 8.93 18.25
CA CYS B 56 -13.10 7.74 19.09
C CYS B 56 -13.74 8.18 20.43
N GLU B 57 -13.10 9.14 21.07
CA GLU B 57 -13.61 9.65 22.38
C GLU B 57 -14.95 10.30 22.20
N ALA B 58 -15.19 10.96 21.07
CA ALA B 58 -16.49 11.65 20.82
C ALA B 58 -17.68 10.71 20.88
N LEU B 59 -17.46 9.44 20.54
CA LEU B 59 -18.48 8.39 20.55
C LEU B 59 -18.41 7.53 21.78
N GLY B 60 -17.54 7.88 22.71
CA GLY B 60 -17.47 7.19 24.01
C GLY B 60 -16.46 6.07 24.14
N GLY B 61 -15.58 5.92 23.14
CA GLY B 61 -14.57 4.90 23.26
C GLY B 61 -13.30 5.37 23.93
N ALA B 62 -12.65 4.47 24.67
CA ALA B 62 -11.37 4.77 25.27
C ALA B 62 -10.39 5.00 24.11
N PRO B 63 -9.50 6.00 24.27
CA PRO B 63 -8.72 6.41 23.13
C PRO B 63 -7.76 5.35 22.66
N GLN B 64 -7.23 4.53 23.53
CA GLN B 64 -6.27 3.49 23.13
C GLN B 64 -6.83 2.49 22.09
N ARG B 65 -8.15 2.41 21.99
CA ARG B 65 -8.82 1.60 20.96
C ARG B 65 -8.49 2.07 19.55
N ALA B 66 -8.20 3.35 19.44
CA ALA B 66 -7.87 3.97 18.13
C ALA B 66 -6.38 3.97 17.81
N ASP B 67 -5.56 3.33 18.61
CA ASP B 67 -4.11 3.33 18.38
C ASP B 67 -3.74 2.88 16.95
N ALA B 68 -4.29 1.78 16.48
CA ALA B 68 -4.00 1.28 15.13
C ALA B 68 -4.47 2.27 14.08
N ALA B 69 -5.68 2.78 14.22
CA ALA B 69 -6.24 3.85 13.36
C ALA B 69 -5.29 5.02 13.25
N ALA B 70 -4.86 5.53 14.41
CA ALA B 70 -3.94 6.67 14.51
C ALA B 70 -2.61 6.34 13.82
N CYS B 71 -2.08 5.16 14.07
CA CYS B 71 -0.82 4.74 13.39
C CYS B 71 -1.04 4.72 11.90
N ALA B 72 -2.13 4.10 11.49
CA ALA B 72 -2.30 3.90 10.04
C ALA B 72 -2.44 5.21 9.31
N VAL B 73 -3.19 6.16 9.84
CA VAL B 73 -3.37 7.46 9.18
C VAL B 73 -2.08 8.24 9.08
N GLU B 74 -1.24 8.16 10.08
CA GLU B 74 -0.02 8.92 10.13
C GLU B 74 0.98 8.26 9.13
N LEU B 75 0.94 6.95 9.05
CA LEU B 75 1.84 6.19 8.13
C LEU B 75 1.49 6.56 6.73
N ILE B 76 0.25 6.66 6.40
CA ILE B 76 -0.19 7.09 5.09
C ILE B 76 0.31 8.51 4.84
N HIS B 77 0.08 9.41 5.76
CA HIS B 77 0.50 10.78 5.62
C HIS B 77 2.03 10.88 5.44
N ALA B 78 2.78 10.14 6.27
CA ALA B 78 4.22 10.21 6.29
C ALA B 78 4.72 9.69 4.93
N TYR B 79 4.16 8.60 4.45
CA TYR B 79 4.68 8.04 3.16
C TYR B 79 4.42 9.08 2.06
N SER B 80 3.27 9.72 2.05
CA SER B 80 2.89 10.66 0.98
C SER B 80 3.91 11.81 0.92
N LEU B 81 4.35 12.27 2.09
CA LEU B 81 5.32 13.36 2.18
C LEU B 81 6.68 12.96 1.60
N VAL B 82 7.11 11.75 1.92
CA VAL B 82 8.39 11.24 1.43
C VAL B 82 8.41 11.25 -0.12
N HIS B 83 7.35 10.72 -0.70
CA HIS B 83 7.28 10.72 -2.18
C HIS B 83 7.14 12.13 -2.71
N ASP B 84 6.36 12.97 -2.05
CA ASP B 84 6.18 14.36 -2.45
C ASP B 84 7.50 15.15 -2.44
N ASP B 85 8.42 14.80 -1.54
CA ASP B 85 9.66 15.52 -1.38
C ASP B 85 10.63 15.23 -2.57
N LEU B 86 10.42 14.10 -3.26
CA LEU B 86 11.38 13.63 -4.28
C LEU B 86 11.59 14.67 -5.35
N PRO B 87 12.76 14.59 -6.03
CA PRO B 87 13.04 15.58 -7.07
C PRO B 87 12.01 15.64 -8.20
N ALA B 88 11.40 14.52 -8.56
CA ALA B 88 10.44 14.49 -9.67
C ALA B 88 9.07 15.03 -9.25
N MET B 89 8.92 15.21 -7.93
CA MET B 89 7.69 15.70 -7.36
C MET B 89 7.88 17.16 -6.93
N ASP B 90 7.86 17.47 -5.63
CA ASP B 90 8.07 18.84 -5.22
C ASP B 90 9.53 19.24 -5.03
N ASP B 91 10.42 18.25 -4.99
CA ASP B 91 11.87 18.47 -4.96
C ASP B 91 12.27 19.33 -3.76
N ASP B 92 12.01 18.82 -2.56
CA ASP B 92 12.35 19.51 -1.34
C ASP B 92 13.55 18.89 -0.64
N ASP B 93 14.59 19.71 -0.41
CA ASP B 93 15.80 19.28 0.30
C ASP B 93 15.66 19.23 1.83
N LEU B 94 14.74 20.03 2.39
CA LEU B 94 14.54 20.14 3.84
C LEU B 94 13.09 20.02 4.25
N ARG B 95 12.91 19.55 5.48
CA ARG B 95 11.62 19.54 6.14
C ARG B 95 11.92 19.93 7.58
N ARG B 96 11.32 21.03 8.03
CA ARG B 96 11.63 21.62 9.33
C ARG B 96 13.13 21.66 9.67
N GLY B 97 13.93 22.13 8.69
CA GLY B 97 15.36 22.32 8.88
C GLY B 97 16.26 21.10 8.78
N GLN B 98 15.66 19.92 8.60
CA GLN B 98 16.40 18.66 8.51
C GLN B 98 16.31 18.10 7.10
N PRO B 99 17.36 17.40 6.65
CA PRO B 99 17.22 16.80 5.35
C PRO B 99 15.97 15.92 5.18
N THR B 100 15.35 16.05 4.02
CA THR B 100 14.33 15.09 3.62
C THR B 100 14.95 13.68 3.47
N THR B 101 14.10 12.65 3.43
CA THR B 101 14.59 11.28 3.39
C THR B 101 15.53 10.95 2.20
N HIS B 102 15.18 11.42 1.01
CA HIS B 102 16.04 11.14 -0.14
C HIS B 102 17.40 11.82 -0.01
N ARG B 103 17.47 12.94 0.72
CA ARG B 103 18.71 13.67 0.93
C ARG B 103 19.58 13.03 2.03
N ALA B 104 18.95 12.57 3.12
CA ALA B 104 19.64 11.90 4.20
C ALA B 104 20.20 10.54 3.79
N PHE B 105 19.44 9.85 2.95
CA PHE B 105 19.75 8.48 2.54
C PHE B 105 20.08 8.55 1.04
N ASP B 106 19.13 8.18 0.21
CA ASP B 106 19.24 8.30 -1.26
C ASP B 106 17.82 8.16 -1.81
N GLU B 107 17.64 8.48 -3.06
CA GLU B 107 16.32 8.52 -3.66
C GLU B 107 15.67 7.13 -3.63
N ALA B 108 16.41 6.10 -4.05
CA ALA B 108 15.88 4.75 -4.07
C ALA B 108 15.36 4.32 -2.72
N THR B 109 16.16 4.58 -1.68
CA THR B 109 15.81 4.17 -0.31
C THR B 109 14.60 4.95 0.17
N ALA B 110 14.50 6.24 -0.19
CA ALA B 110 13.30 7.02 0.13
C ALA B 110 12.06 6.47 -0.53
N ILE B 111 12.16 6.15 -1.83
CA ILE B 111 11.05 5.59 -2.56
C ILE B 111 10.57 4.31 -1.85
N LEU B 112 11.50 3.44 -1.53
CA LEU B 112 11.22 2.11 -0.96
C LEU B 112 10.69 2.24 0.48
N ALA B 113 11.36 3.07 1.26
CA ALA B 113 10.95 3.26 2.69
C ALA B 113 9.47 3.67 2.71
N ALA B 114 9.11 4.63 1.87
CA ALA B 114 7.74 5.12 1.81
C ALA B 114 6.79 4.04 1.32
N ASP B 115 7.20 3.27 0.31
CA ASP B 115 6.42 2.15 -0.16
C ASP B 115 6.10 1.16 0.97
N GLY B 116 7.12 0.90 1.80
CA GLY B 116 6.99 0.02 2.97
C GLY B 116 6.15 0.61 4.07
N LEU B 117 6.19 1.93 4.19
CA LEU B 117 5.25 2.61 5.11
C LEU B 117 3.81 2.45 4.71
N GLN B 118 3.49 2.54 3.42
CA GLN B 118 2.15 2.36 2.96
C GLN B 118 1.70 0.94 3.29
N ALA B 119 2.46 -0.08 2.95
CA ALA B 119 2.11 -1.47 3.24
C ALA B 119 1.83 -1.59 4.74
N LEU B 120 2.71 -0.97 5.51
CA LEU B 120 2.64 -1.10 7.01
C LEU B 120 1.35 -0.52 7.48
N ALA B 121 0.87 0.56 6.90
CA ALA B 121 -0.42 1.17 7.32
C ALA B 121 -1.53 0.16 7.25
N PHE B 122 -1.64 -0.61 6.18
CA PHE B 122 -2.65 -1.62 6.01
C PHE B 122 -2.40 -2.81 6.93
N GLU B 123 -1.14 -3.19 7.06
CA GLU B 123 -0.73 -4.25 8.00
C GLU B 123 -1.31 -3.98 9.38
N VAL B 124 -1.09 -2.76 9.85
CA VAL B 124 -1.46 -2.47 11.28
C VAL B 124 -2.97 -2.53 11.43
N LEU B 125 -3.75 -2.18 10.42
CA LEU B 125 -5.24 -2.24 10.52
C LEU B 125 -5.78 -3.67 10.40
N ALA B 126 -5.12 -4.51 9.61
CA ALA B 126 -5.55 -5.88 9.43
C ALA B 126 -5.10 -6.81 10.56
N ASP B 127 -4.16 -6.33 11.38
CA ASP B 127 -3.56 -7.05 12.52
C ASP B 127 -4.54 -6.97 13.68
N THR B 128 -5.20 -8.08 13.98
CA THR B 128 -6.25 -8.01 15.02
C THR B 128 -5.68 -7.99 16.45
N ARG B 129 -4.36 -8.13 16.62
CA ARG B 129 -3.72 -7.84 17.92
C ARG B 129 -3.52 -6.34 18.08
N ARG B 130 -2.94 -5.72 17.06
CA ARG B 130 -2.71 -4.27 17.06
C ARG B 130 -4.01 -3.45 16.93
N ASN B 131 -4.99 -4.00 16.21
CA ASN B 131 -6.28 -3.36 15.92
C ASN B 131 -7.41 -4.29 16.30
N PRO B 132 -7.67 -4.44 17.64
CA PRO B 132 -8.55 -5.50 18.13
C PRO B 132 -10.07 -5.13 18.11
N GLN B 133 -10.52 -4.70 16.93
CA GLN B 133 -11.93 -4.42 16.65
C GLN B 133 -12.61 -5.70 16.18
N GLU B 134 -13.95 -5.70 16.14
CA GLU B 134 -14.68 -6.77 15.46
C GLU B 134 -14.17 -6.83 13.97
N HIS B 135 -14.11 -8.03 13.43
CA HIS B 135 -13.53 -8.23 12.09
C HIS B 135 -14.24 -7.41 11.03
N ALA B 136 -15.58 -7.31 11.07
CA ALA B 136 -16.28 -6.47 10.09
C ALA B 136 -15.87 -4.99 10.16
N VAL B 137 -15.61 -4.52 11.39
CA VAL B 137 -15.15 -3.18 11.62
C VAL B 137 -13.72 -3.02 11.08
N CYS B 138 -12.84 -4.00 11.33
CA CYS B 138 -11.46 -3.91 10.78
C CYS B 138 -11.53 -3.75 9.30
N LEU B 139 -12.39 -4.53 8.65
CA LEU B 139 -12.47 -4.47 7.13
C LEU B 139 -12.99 -3.11 6.68
N GLU B 140 -13.96 -2.55 7.39
CA GLU B 140 -14.46 -1.24 7.04
C GLU B 140 -13.37 -0.15 7.21
N MET B 141 -12.54 -0.28 8.24
CA MET B 141 -11.49 0.66 8.51
C MET B 141 -10.48 0.57 7.32
N LEU B 142 -10.19 -0.65 6.97
CA LEU B 142 -9.24 -0.89 5.84
C LEU B 142 -9.81 -0.35 4.57
N THR B 143 -11.08 -0.61 4.34
CA THR B 143 -11.74 -0.15 3.12
C THR B 143 -11.68 1.37 3.01
N ARG B 144 -12.05 2.04 4.09
CA ARG B 144 -12.05 3.46 4.09
C ARG B 144 -10.63 4.04 3.88
N LEU B 145 -9.62 3.41 4.49
CA LEU B 145 -8.30 3.94 4.42
C LEU B 145 -7.81 3.72 2.97
N ALA B 146 -8.09 2.56 2.41
CA ALA B 146 -7.58 2.30 1.01
C ALA B 146 -8.20 3.26 0.01
N ARG B 147 -9.49 3.51 0.11
CA ARG B 147 -10.20 4.48 -0.71
C ARG B 147 -9.66 5.88 -0.53
N ALA B 148 -9.43 6.27 0.73
CA ALA B 148 -8.99 7.59 1.03
C ALA B 148 -7.53 7.84 0.57
N ALA B 149 -6.71 6.82 0.69
CA ALA B 149 -5.29 6.94 0.40
C ALA B 149 -5.00 6.79 -1.10
N GLY B 150 -5.86 6.11 -1.81
CA GLY B 150 -5.54 5.67 -3.21
C GLY B 150 -5.86 6.72 -4.21
N SER B 151 -5.98 6.26 -5.46
CA SER B 151 -6.13 7.18 -6.57
C SER B 151 -7.46 7.94 -6.66
N ALA B 152 -8.43 7.53 -5.84
CA ALA B 152 -9.71 8.23 -5.74
C ALA B 152 -9.71 9.22 -4.61
N GLY B 153 -8.60 9.26 -3.87
CA GLY B 153 -8.43 10.11 -2.68
C GLY B 153 -7.11 10.87 -2.78
N MET B 154 -6.25 10.64 -1.80
CA MET B 154 -5.03 11.40 -1.59
C MET B 154 -4.13 11.41 -2.87
N VAL B 155 -3.87 10.23 -3.36
CA VAL B 155 -2.99 10.13 -4.62
C VAL B 155 -3.68 10.81 -5.79
N GLY B 156 -5.00 10.65 -5.89
CA GLY B 156 -5.83 11.38 -6.86
C GLY B 156 -5.61 12.87 -6.75
N GLY B 157 -5.64 13.40 -5.51
CA GLY B 157 -5.47 14.83 -5.31
C GLY B 157 -4.12 15.34 -5.78
N GLN B 158 -3.09 14.54 -5.54
CA GLN B 158 -1.73 14.90 -6.02
C GLN B 158 -1.71 14.92 -7.53
N ALA B 159 -2.44 14.05 -8.16
CA ALA B 159 -2.49 14.07 -9.68
C ALA B 159 -3.29 15.25 -10.20
N ILE B 160 -4.34 15.61 -9.47
CA ILE B 160 -5.13 16.76 -9.87
C ILE B 160 -4.25 18.01 -9.80
N ASP B 161 -3.44 18.09 -8.75
CA ASP B 161 -2.56 19.22 -8.52
C ASP B 161 -1.56 19.32 -9.67
N LEU B 162 -0.97 18.19 -9.96
CA LEU B 162 0.06 18.25 -11.01
C LEU B 162 -0.59 18.56 -12.36
N GLY B 163 -1.84 18.15 -12.56
CA GLY B 163 -2.56 18.45 -13.80
C GLY B 163 -3.11 19.86 -13.91
N SER B 164 -3.06 20.63 -12.83
CA SER B 164 -3.58 21.99 -12.84
C SER B 164 -2.50 23.06 -12.94
N VAL B 165 -1.25 22.61 -13.11
CA VAL B 165 -0.10 23.53 -13.12
C VAL B 165 -0.28 24.45 -14.32
N GLY B 166 -0.15 25.76 -14.09
CA GLY B 166 -0.35 26.72 -15.19
C GLY B 166 -1.78 26.80 -15.65
N VAL B 167 -2.71 26.60 -14.69
CA VAL B 167 -4.14 26.77 -14.95
C VAL B 167 -4.65 27.54 -13.74
N ALA B 168 -5.49 28.54 -13.99
CA ALA B 168 -6.02 29.35 -12.89
C ALA B 168 -7.27 28.66 -12.35
N LEU B 169 -7.17 28.10 -11.15
CA LEU B 169 -8.28 27.35 -10.58
C LEU B 169 -9.30 28.34 -10.03
N ASP B 170 -10.57 28.11 -10.37
CA ASP B 170 -11.62 28.80 -9.68
C ASP B 170 -11.80 28.10 -8.33
N GLN B 171 -12.63 28.67 -7.48
CA GLN B 171 -12.77 28.15 -6.12
C GLN B 171 -13.24 26.69 -6.13
N ALA B 172 -14.23 26.39 -6.97
CA ALA B 172 -14.77 25.02 -7.07
C ALA B 172 -13.69 24.01 -7.41
N ALA B 173 -12.85 24.32 -8.40
CA ALA B 173 -11.79 23.38 -8.85
C ALA B 173 -10.71 23.25 -7.76
N LEU B 174 -10.39 24.36 -7.10
CA LEU B 174 -9.43 24.35 -6.00
C LEU B 174 -9.93 23.42 -4.89
N GLU B 175 -11.23 23.53 -4.57
CA GLU B 175 -11.79 22.72 -3.52
C GLU B 175 -11.87 21.24 -3.88
N VAL B 176 -12.17 20.94 -5.14
CA VAL B 176 -12.04 19.55 -5.60
C VAL B 176 -10.62 19.01 -5.33
N MET B 177 -9.61 19.80 -5.69
N MET B 177 -9.62 19.83 -5.65
CA MET B 177 -8.24 19.37 -5.48
CA MET B 177 -8.24 19.39 -5.50
C MET B 177 -7.96 19.12 -4.01
C MET B 177 -7.93 19.14 -4.02
N HIS B 178 -8.33 20.08 -3.17
CA HIS B 178 -8.12 19.93 -1.72
C HIS B 178 -8.89 18.77 -1.11
N ARG B 179 -10.14 18.58 -1.51
CA ARG B 179 -10.96 17.47 -0.97
C ARG B 179 -10.29 16.14 -1.17
N HIS B 180 -9.62 15.99 -2.33
CA HIS B 180 -8.91 14.79 -2.59
C HIS B 180 -7.56 14.75 -1.90
N LYS B 181 -6.77 15.80 -2.05
CA LYS B 181 -5.36 15.74 -1.68
C LYS B 181 -5.17 15.66 -0.18
N THR B 182 -6.00 16.42 0.56
CA THR B 182 -5.93 16.33 2.01
C THR B 182 -7.26 16.01 2.64
N GLY B 183 -8.36 16.34 2.01
CA GLY B 183 -9.67 16.11 2.70
C GLY B 183 -9.88 14.64 2.95
N ALA B 184 -9.61 13.80 1.95
CA ALA B 184 -9.96 12.39 2.06
C ALA B 184 -9.34 11.73 3.31
N LEU B 185 -8.07 12.01 3.54
CA LEU B 185 -7.33 11.38 4.63
C LEU B 185 -7.77 11.97 5.99
N ILE B 186 -8.09 13.24 5.99
CA ILE B 186 -8.62 13.88 7.22
C ILE B 186 -9.94 13.22 7.51
N GLU B 187 -10.80 13.03 6.52
CA GLU B 187 -12.12 12.42 6.71
C GLU B 187 -11.95 10.97 7.17
N ALA B 188 -10.95 10.27 6.62
CA ALA B 188 -10.70 8.90 7.03
C ALA B 188 -10.18 8.79 8.45
N SER B 189 -9.45 9.78 8.92
CA SER B 189 -8.89 9.77 10.28
C SER B 189 -10.05 9.81 11.26
N VAL B 190 -10.97 10.67 10.93
CA VAL B 190 -12.21 10.80 11.82
C VAL B 190 -13.02 9.52 11.72
N ARG B 191 -13.29 9.02 10.50
CA ARG B 191 -14.06 7.82 10.30
C ARG B 191 -13.43 6.61 11.04
N LEU B 192 -12.13 6.43 10.91
CA LEU B 192 -11.45 5.28 11.50
C LEU B 192 -11.47 5.35 13.03
N GLY B 193 -11.23 6.56 13.55
CA GLY B 193 -11.35 6.72 15.03
C GLY B 193 -12.76 6.43 15.49
N ALA B 194 -13.76 6.90 14.76
CA ALA B 194 -15.15 6.62 15.17
C ALA B 194 -15.44 5.14 15.16
N LEU B 195 -14.94 4.47 14.09
CA LEU B 195 -15.11 3.06 14.01
C LEU B 195 -14.44 2.28 15.17
N ALA B 196 -13.32 2.78 15.64
CA ALA B 196 -12.50 2.13 16.64
C ALA B 196 -13.25 2.24 17.98
N SER B 197 -14.21 3.15 18.04
CA SER B 197 -14.93 3.37 19.34
C SER B 197 -15.73 2.16 19.80
N GLY B 198 -16.16 1.35 18.84
CA GLY B 198 -17.09 0.24 19.11
C GLY B 198 -18.53 0.70 19.28
N ARG B 199 -18.77 2.00 19.06
CA ARG B 199 -20.07 2.61 19.27
C ARG B 199 -20.61 3.38 18.07
N ALA B 200 -19.98 3.21 16.92
CA ALA B 200 -20.41 3.93 15.73
C ALA B 200 -21.81 3.52 15.33
N GLU B 201 -22.55 4.48 14.80
CA GLU B 201 -23.90 4.28 14.28
C GLU B 201 -23.97 5.18 13.07
N PRO B 202 -24.88 4.89 12.12
CA PRO B 202 -24.88 5.68 10.87
C PRO B 202 -25.04 7.22 11.05
N ALA B 203 -25.94 7.64 11.93
CA ALA B 203 -26.18 9.07 12.16
C ALA B 203 -24.93 9.73 12.73
N SER B 204 -24.28 9.10 13.70
CA SER B 204 -23.06 9.68 14.31
C SER B 204 -21.88 9.70 13.31
N LEU B 205 -21.77 8.67 12.47
CA LEU B 205 -20.75 8.66 11.42
C LEU B 205 -20.94 9.76 10.41
N ALA B 206 -22.18 9.94 9.97
CA ALA B 206 -22.55 11.01 9.04
C ALA B 206 -22.26 12.40 9.63
N ALA B 207 -22.64 12.62 10.89
CA ALA B 207 -22.33 13.90 11.55
C ALA B 207 -20.83 14.17 11.59
N LEU B 208 -20.08 13.14 11.97
CA LEU B 208 -18.62 13.24 12.05
C LEU B 208 -17.99 13.46 10.65
N GLU B 209 -18.63 12.89 9.66
CA GLU B 209 -18.10 13.11 8.25
C GLU B 209 -18.32 14.60 7.87
N ARG B 210 -19.48 15.17 8.26
CA ARG B 210 -19.76 16.60 8.03
C ARG B 210 -18.71 17.48 8.76
N TYR B 211 -18.46 17.16 10.04
CA TYR B 211 -17.39 17.78 10.81
C TYR B 211 -16.04 17.72 10.09
N ALA B 212 -15.68 16.53 9.59
CA ALA B 212 -14.36 16.30 8.99
C ALA B 212 -14.26 17.05 7.69
N GLU B 213 -15.34 17.11 6.95
CA GLU B 213 -15.25 17.80 5.59
C GLU B 213 -14.97 19.27 5.81
N ALA B 214 -15.67 19.83 6.81
CA ALA B 214 -15.47 21.24 7.19
C ALA B 214 -14.07 21.52 7.74
N ILE B 215 -13.63 20.72 8.72
CA ILE B 215 -12.35 20.94 9.36
C ILE B 215 -11.20 20.76 8.35
N GLY B 216 -11.37 19.82 7.45
CA GLY B 216 -10.36 19.54 6.46
C GLY B 216 -10.08 20.73 5.57
N LEU B 217 -11.14 21.37 5.07
CA LEU B 217 -11.02 22.59 4.31
C LEU B 217 -10.55 23.75 5.16
N ALA B 218 -11.04 23.87 6.39
CA ALA B 218 -10.64 24.95 7.28
C ALA B 218 -9.12 24.95 7.48
N PHE B 219 -8.53 23.77 7.65
CA PHE B 219 -7.08 23.60 7.82
C PHE B 219 -6.37 24.28 6.67
N GLN B 220 -6.81 23.99 5.46
CA GLN B 220 -6.17 24.55 4.28
C GLN B 220 -6.36 26.06 4.13
N VAL B 221 -7.57 26.55 4.32
CA VAL B 221 -7.86 28.00 4.25
C VAL B 221 -6.95 28.70 5.26
N GLN B 222 -6.86 28.16 6.47
CA GLN B 222 -6.10 28.81 7.51
C GLN B 222 -4.59 28.73 7.25
N ASP B 223 -4.14 27.59 6.72
CA ASP B 223 -2.75 27.46 6.29
C ASP B 223 -2.42 28.54 5.26
N ASP B 224 -3.32 28.78 4.30
CA ASP B 224 -3.04 29.79 3.27
C ASP B 224 -2.99 31.20 3.91
N ILE B 225 -3.92 31.45 4.83
CA ILE B 225 -3.98 32.71 5.57
C ILE B 225 -2.67 32.93 6.34
N LEU B 226 -2.24 31.89 7.05
CA LEU B 226 -1.02 32.02 7.83
C LEU B 226 0.21 32.25 6.96
N ASP B 227 0.26 31.62 5.79
CA ASP B 227 1.35 31.84 4.83
C ASP B 227 1.47 33.32 4.43
N VAL B 228 0.34 34.01 4.35
CA VAL B 228 0.35 35.45 4.12
C VAL B 228 0.69 36.15 5.43
N PRO B 248 -2.12 29.48 -6.40
CA PRO B 248 -3.58 29.48 -6.21
C PRO B 248 -3.96 29.23 -4.75
N THR B 249 -4.18 30.29 -3.98
CA THR B 249 -4.46 30.20 -2.56
C THR B 249 -5.81 30.83 -2.28
N TYR B 250 -6.33 30.61 -1.05
CA TYR B 250 -7.61 31.21 -0.72
C TYR B 250 -7.52 32.74 -0.69
N PRO B 251 -6.48 33.30 -0.05
CA PRO B 251 -6.42 34.77 -0.06
C PRO B 251 -6.29 35.36 -1.47
N ALA B 252 -5.59 34.67 -2.39
CA ALA B 252 -5.48 35.15 -3.77
C ALA B 252 -6.83 35.16 -4.48
N LEU B 253 -7.61 34.12 -4.27
CA LEU B 253 -8.93 34.04 -4.88
C LEU B 253 -9.88 35.06 -4.30
N LEU B 254 -10.00 35.04 -2.97
CA LEU B 254 -11.10 35.68 -2.34
C LEU B 254 -10.75 37.09 -1.86
N GLY B 255 -9.45 37.37 -1.77
CA GLY B 255 -9.00 38.45 -0.90
C GLY B 255 -8.80 37.94 0.52
N LEU B 256 -7.82 38.53 1.21
CA LEU B 256 -7.47 38.11 2.57
C LEU B 256 -8.66 38.14 3.52
N GLU B 257 -9.39 39.24 3.57
CA GLU B 257 -10.54 39.36 4.50
C GLU B 257 -11.62 38.34 4.21
N ALA B 258 -11.95 38.12 2.94
CA ALA B 258 -12.98 37.12 2.61
C ALA B 258 -12.53 35.68 2.93
N ALA B 259 -11.22 35.43 2.82
CA ALA B 259 -10.64 34.13 3.20
C ALA B 259 -10.82 33.87 4.69
N LYS B 260 -10.51 34.88 5.49
CA LYS B 260 -10.67 34.81 6.96
C LYS B 260 -12.11 34.55 7.34
N GLY B 261 -13.05 35.24 6.68
CA GLY B 261 -14.49 35.01 6.91
C GLY B 261 -14.93 33.60 6.55
N TYR B 262 -14.31 33.06 5.49
CA TYR B 262 -14.64 31.71 5.04
C TYR B 262 -14.17 30.65 6.06
N ALA B 263 -12.97 30.86 6.59
CA ALA B 263 -12.44 30.00 7.63
C ALA B 263 -13.40 29.96 8.84
N LEU B 264 -14.00 31.09 9.18
CA LEU B 264 -14.96 31.13 10.32
C LEU B 264 -16.23 30.37 10.00
N GLU B 265 -16.69 30.52 8.76
CA GLU B 265 -17.86 29.78 8.27
C GLU B 265 -17.64 28.27 8.38
N LEU B 266 -16.45 27.82 7.97
CA LEU B 266 -16.08 26.39 8.08
C LEU B 266 -16.00 25.91 9.50
N ARG B 267 -15.39 26.70 10.37
CA ARG B 267 -15.50 26.42 11.86
C ARG B 267 -16.94 26.23 12.35
N ASP B 268 -17.82 27.13 11.94
CA ASP B 268 -19.22 27.09 12.35
C ASP B 268 -19.91 25.84 11.84
N LEU B 269 -19.58 25.43 10.61
CA LEU B 269 -20.18 24.24 10.09
C LEU B 269 -19.71 23.03 10.91
N ALA B 270 -18.44 23.03 11.31
CA ALA B 270 -17.87 21.92 12.03
C ALA B 270 -18.61 21.81 13.39
N LEU B 271 -18.73 22.96 13.99
CA LEU B 271 -19.38 22.95 15.32
C LEU B 271 -20.82 22.51 15.24
N ALA B 272 -21.52 23.02 14.25
CA ALA B 272 -22.90 22.62 14.00
C ALA B 272 -23.06 21.12 13.80
N ALA B 273 -22.08 20.49 13.12
CA ALA B 273 -22.14 19.06 12.92
C ALA B 273 -22.07 18.23 14.20
N LEU B 274 -21.58 18.84 15.30
CA LEU B 274 -21.47 18.15 16.58
C LEU B 274 -22.62 18.47 17.48
N ASP B 275 -23.66 19.06 16.90
CA ASP B 275 -24.93 19.23 17.66
C ASP B 275 -25.35 17.91 18.26
N GLY B 276 -25.70 17.93 19.54
CA GLY B 276 -26.19 16.72 20.21
C GLY B 276 -25.11 15.82 20.78
N PHE B 277 -23.84 16.00 20.35
CA PHE B 277 -22.78 15.14 20.89
C PHE B 277 -22.51 15.46 22.38
N PRO B 278 -22.08 14.44 23.16
CA PRO B 278 -21.80 14.72 24.59
C PRO B 278 -20.52 15.51 24.80
N PRO B 279 -20.19 15.81 26.06
CA PRO B 279 -18.98 16.54 26.38
C PRO B 279 -17.69 15.88 25.90
N SER B 280 -17.71 14.55 25.76
CA SER B 280 -16.53 13.82 25.27
C SER B 280 -16.11 14.25 23.85
N ALA B 281 -17.02 14.90 23.14
CA ALA B 281 -16.69 15.55 21.83
C ALA B 281 -16.01 16.91 21.94
N ASP B 282 -15.78 17.42 23.16
CA ASP B 282 -15.14 18.71 23.34
C ASP B 282 -13.78 18.82 22.59
N PRO B 283 -12.93 17.78 22.60
CA PRO B 283 -11.68 17.90 21.80
C PRO B 283 -11.95 18.28 20.35
N LEU B 284 -12.96 17.69 19.75
CA LEU B 284 -13.28 18.05 18.34
C LEU B 284 -13.77 19.49 18.24
N ARG B 285 -14.59 19.93 19.20
CA ARG B 285 -15.07 21.32 19.17
C ARG B 285 -13.91 22.31 19.34
N GLN B 286 -13.03 21.98 20.29
CA GLN B 286 -11.87 22.81 20.60
C GLN B 286 -10.93 22.90 19.39
N LEU B 287 -10.71 21.79 18.69
CA LEU B 287 -9.84 21.79 17.52
C LEU B 287 -10.41 22.70 16.46
N ALA B 288 -11.71 22.62 16.22
CA ALA B 288 -12.34 23.43 15.20
C ALA B 288 -12.12 24.91 15.45
N ARG B 289 -12.32 25.31 16.70
CA ARG B 289 -12.08 26.70 17.11
C ARG B 289 -10.62 27.10 16.99
N TYR B 290 -9.76 26.23 17.50
CA TYR B 290 -8.31 26.43 17.44
C TYR B 290 -7.77 26.71 16.04
N ILE B 291 -8.25 25.95 15.04
CA ILE B 291 -7.76 26.08 13.64
C ILE B 291 -7.83 27.50 13.15
N VAL B 292 -8.85 28.25 13.57
CA VAL B 292 -9.12 29.55 12.98
C VAL B 292 -9.02 30.65 14.04
#